data_6BKR
#
_entry.id   6BKR
#
_cell.length_a   100.458
_cell.length_b   100.458
_cell.length_c   385.692
_cell.angle_alpha   90.00
_cell.angle_beta   90.00
_cell.angle_gamma   120.00
#
_symmetry.space_group_name_H-M   'H 3 2'
#
loop_
_entity.id
_entity.type
_entity.pdbx_description
1 polymer 'Hemagglutinin HA1 chain'
2 polymer 'Hemagglutinin HA2 chain'
3 branched beta-D-mannopyranose-(1-4)-2-acetamido-2-deoxy-beta-D-glucopyranose-(1-4)-2-acetamido-2-deoxy-beta-D-glucopyranose
4 branched alpha-D-mannopyranose-(1-3)-[alpha-D-mannopyranose-(1-6)]beta-D-mannopyranose-(1-4)-2-acetamido-2-deoxy-beta-D-glucopyranose-(1-4)-2-acetamido-2-deoxy-beta-D-glucopyranose
5 branched 2-acetamido-2-deoxy-beta-D-glucopyranose-(1-4)-2-acetamido-2-deoxy-beta-D-glucopyranose
6 branched 'N-acetyl-alpha-neuraminic acid-(2-6)-beta-D-galactopyranose-(1-4)-2-acetamido-2-deoxy-beta-D-glucopyranose'
7 non-polymer 2-acetamido-2-deoxy-beta-D-glucopyranose
8 water water
#
loop_
_entity_poly.entity_id
_entity_poly.type
_entity_poly.pdbx_seq_one_letter_code
_entity_poly.pdbx_strand_id
1 'polypeptide(L)'
;ADPGATLCLGHHAVPNGTIVKTITNDQIEVTNATELVQSSSTGGICDSPHQILDGENCTLIDALLGDPQCDGFQNKKWDL
FVERSKAYSNCYPYDVPDYASLRSLVASSGTLEFNNESFNWAGVTQNGTSSACKRRSNKSFFSRLNWLTHLKYKYPALNV
TMPNNEKFDKLYIWGVHHPVTDSDQISLYAQASGRITVSTKRSQQTVIPNIGFRPRVRDISSRISIYWTIVKPGDILLIN
STGNLIAPRGYFKIRSGKSSIMRSDAPIGKCNSECITPNGSIPNDKPFQNVNRITYGACPRYVKQNTLKLATGMRNVPEK
QTR
;
A
2 'polypeptide(L)'
;GIFGAIAGFIENGWEGMVDGWYGFRHQNSEGTGQAADLKSTQAAINQINGKLNRLIGKTNEKFHQIEKEFSEVEGRIQDL
EKYVEDTKIDLWSYNAELLVALENQHTIDLTDSEMNKLFERTKKQLRENAEDMGNGCFKIYHKCDNACIESIRNGTYDHD
VYRDEALNNRFQIK
;
B
#
# COMPACT_ATOMS: atom_id res chain seq x y z
N PRO A 3 -62.07 -22.24 -10.47
CA PRO A 3 -61.31 -21.09 -9.98
C PRO A 3 -59.78 -21.24 -10.20
N GLY A 4 -59.16 -22.25 -9.57
CA GLY A 4 -57.75 -22.53 -9.79
C GLY A 4 -56.85 -21.76 -8.87
N ALA A 5 -55.66 -21.44 -9.35
CA ALA A 5 -54.70 -20.72 -8.54
C ALA A 5 -53.82 -19.85 -9.40
N THR A 6 -53.13 -18.93 -8.75
CA THR A 6 -52.09 -18.11 -9.39
C THR A 6 -50.80 -18.33 -8.64
N LEU A 7 -49.71 -18.48 -9.37
CA LEU A 7 -48.37 -18.65 -8.78
C LEU A 7 -47.42 -17.70 -9.48
N CYS A 8 -46.91 -16.73 -8.74
CA CYS A 8 -46.04 -15.70 -9.27
C CYS A 8 -44.61 -15.91 -8.82
N LEU A 9 -43.68 -15.78 -9.75
CA LEU A 9 -42.28 -15.84 -9.45
C LEU A 9 -41.78 -14.45 -9.27
N GLY A 10 -40.86 -14.26 -8.33
CA GLY A 10 -40.33 -12.92 -8.13
C GLY A 10 -39.07 -12.90 -7.32
N HIS A 11 -38.66 -11.69 -6.98
CA HIS A 11 -37.38 -11.44 -6.36
C HIS A 11 -37.52 -10.32 -5.34
N HIS A 12 -36.55 -10.20 -4.46
CA HIS A 12 -36.62 -9.20 -3.40
C HIS A 12 -36.27 -7.81 -3.90
N ALA A 13 -36.55 -6.83 -3.05
CA ALA A 13 -36.12 -5.46 -3.27
C ALA A 13 -35.94 -4.85 -1.88
N VAL A 14 -35.29 -3.70 -1.83
CA VAL A 14 -35.09 -2.99 -0.56
C VAL A 14 -35.54 -1.55 -0.75
N PRO A 15 -35.99 -0.91 0.36
CA PRO A 15 -36.37 0.49 0.26
C PRO A 15 -35.13 1.35 0.02
N ASN A 16 -33.99 1.00 0.62
CA ASN A 16 -32.74 1.79 0.55
C ASN A 16 -31.62 1.18 -0.35
N GLY A 17 -31.73 1.28 -1.67
CA GLY A 17 -30.70 0.67 -2.57
C GLY A 17 -29.44 1.52 -2.69
N THR A 18 -28.46 1.07 -3.48
CA THR A 18 -27.18 1.77 -3.64
C THR A 18 -26.84 1.91 -5.12
N ILE A 19 -26.35 3.08 -5.51
CA ILE A 19 -26.08 3.38 -6.92
C ILE A 19 -24.68 2.90 -7.27
N VAL A 20 -24.59 2.14 -8.36
CA VAL A 20 -23.29 1.68 -8.87
C VAL A 20 -23.14 2.00 -10.35
N LYS A 21 -21.93 1.83 -10.85
CA LYS A 21 -21.64 2.05 -12.28
C LYS A 21 -21.52 0.69 -12.97
N THR A 22 -21.91 0.67 -14.23
CA THR A 22 -21.80 -0.52 -15.07
C THR A 22 -21.19 -0.14 -16.42
N ILE A 23 -21.08 -1.11 -17.31
CA ILE A 23 -20.63 -0.87 -18.69
C ILE A 23 -21.58 0.02 -19.49
N THR A 24 -22.86 -0.11 -19.25
CA THR A 24 -23.90 0.58 -20.06
C THR A 24 -24.59 1.72 -19.33
N ASN A 25 -24.30 1.92 -18.06
CA ASN A 25 -24.99 2.98 -17.28
C ASN A 25 -24.14 3.46 -16.14
N ASP A 26 -23.95 4.77 -16.00
CA ASP A 26 -23.12 5.27 -14.89
CA ASP A 26 -23.15 5.35 -14.92
C ASP A 26 -23.85 5.26 -13.55
N GLN A 27 -25.18 5.11 -13.56
CA GLN A 27 -25.99 5.09 -12.33
C GLN A 27 -27.10 4.09 -12.39
N ILE A 28 -26.91 2.95 -11.74
CA ILE A 28 -27.97 1.99 -11.61
CA ILE A 28 -27.89 1.85 -11.64
C ILE A 28 -28.04 1.52 -10.17
N GLU A 29 -29.28 1.38 -9.68
CA GLU A 29 -29.48 1.05 -8.30
C GLU A 29 -29.52 -0.48 -8.14
N VAL A 30 -28.72 -0.96 -7.20
CA VAL A 30 -28.71 -2.36 -6.79
C VAL A 30 -29.10 -2.46 -5.31
N THR A 31 -29.37 -3.68 -4.86
CA THR A 31 -29.86 -3.86 -3.49
C THR A 31 -28.77 -3.62 -2.44
N ASN A 32 -27.52 -3.82 -2.83
CA ASN A 32 -26.43 -3.73 -1.87
C ASN A 32 -25.13 -3.61 -2.65
N ALA A 33 -24.13 -3.03 -2.01
CA ALA A 33 -22.81 -2.91 -2.64
C ALA A 33 -21.78 -2.79 -1.55
N THR A 34 -20.53 -2.90 -1.95
CA THR A 34 -19.42 -2.78 -1.00
C THR A 34 -18.35 -1.86 -1.59
N GLU A 35 -17.70 -1.09 -0.72
CA GLU A 35 -16.69 -0.11 -1.15
C GLU A 35 -15.34 -0.77 -1.39
N LEU A 36 -14.74 -0.51 -2.54
CA LEU A 36 -13.43 -1.11 -2.88
C LEU A 36 -12.23 -0.16 -2.67
N VAL A 37 -12.49 1.10 -2.37
CA VAL A 37 -11.43 2.11 -2.15
C VAL A 37 -11.38 2.54 -0.70
N GLN A 38 -10.26 2.26 -0.03
CA GLN A 38 -10.01 2.73 1.29
C GLN A 38 -9.65 4.21 1.25
N SER A 39 -10.47 5.04 1.90
CA SER A 39 -10.26 6.49 1.82
C SER A 39 -9.97 7.17 3.14
N SER A 40 -9.86 6.43 4.22
CA SER A 40 -9.60 7.02 5.53
C SER A 40 -8.47 6.27 6.18
N SER A 41 -7.77 7.00 7.06
CA SER A 41 -6.75 6.45 7.93
CA SER A 41 -6.77 6.43 7.92
C SER A 41 -7.11 6.76 9.37
N THR A 42 -6.45 6.03 10.27
CA THR A 42 -6.54 6.28 11.72
C THR A 42 -5.80 7.54 12.16
N GLY A 43 -4.93 8.09 11.30
CA GLY A 43 -4.13 9.26 11.64
C GLY A 43 -2.85 8.95 12.41
N GLY A 44 -2.67 7.72 12.88
CA GLY A 44 -1.47 7.30 13.58
C GLY A 44 -0.83 6.10 12.88
N ILE A 45 0.48 5.96 13.05
CA ILE A 45 1.22 4.80 12.57
C ILE A 45 1.24 3.76 13.69
N CYS A 46 0.61 2.61 13.45
CA CYS A 46 0.66 1.51 14.43
C CYS A 46 2.06 0.92 14.56
N ASP A 47 2.51 0.74 15.81
CA ASP A 47 3.85 0.21 16.10
C ASP A 47 3.98 -1.29 15.87
N SER A 48 2.88 -1.95 15.50
CA SER A 48 2.89 -3.38 15.18
C SER A 48 2.20 -3.61 13.86
N PRO A 49 2.58 -4.64 13.08
CA PRO A 49 3.58 -5.65 13.38
C PRO A 49 4.98 -5.39 12.79
N HIS A 50 5.19 -4.24 12.15
CA HIS A 50 6.48 -3.86 11.62
C HIS A 50 7.29 -3.18 12.70
N GLN A 51 8.60 -3.39 12.67
CA GLN A 51 9.48 -2.73 13.65
C GLN A 51 9.65 -1.28 13.18
N ILE A 52 9.10 -0.36 13.96
CA ILE A 52 9.11 1.07 13.63
C ILE A 52 10.22 1.75 14.41
N LEU A 53 11.00 2.59 13.74
CA LEU A 53 12.00 3.42 14.40
C LEU A 53 11.67 4.88 14.10
N ASP A 54 11.24 5.59 15.13
CA ASP A 54 10.93 7.01 15.02
C ASP A 54 12.23 7.80 15.07
N GLY A 55 12.55 8.50 13.99
CA GLY A 55 13.76 9.32 13.93
C GLY A 55 13.77 10.49 14.90
N GLU A 56 12.59 10.92 15.36
CA GLU A 56 12.48 12.06 16.28
C GLU A 56 13.26 13.26 15.69
N ASN A 57 14.26 13.79 16.38
CA ASN A 57 15.04 14.91 15.85
C ASN A 57 16.08 14.56 14.78
N CYS A 58 16.21 13.26 14.45
CA CYS A 58 17.31 12.77 13.65
C CYS A 58 16.85 12.30 12.28
N THR A 59 17.49 12.81 11.23
CA THR A 59 17.41 12.16 9.94
C THR A 59 18.19 10.84 10.04
N LEU A 60 17.92 9.91 9.13
CA LEU A 60 18.69 8.67 9.10
C LEU A 60 20.20 8.93 8.97
N ILE A 61 20.55 9.85 8.07
CA ILE A 61 21.95 10.19 7.84
C ILE A 61 22.61 10.77 9.10
N ASP A 62 21.91 11.63 9.83
CA ASP A 62 22.48 12.09 11.12
C ASP A 62 22.61 10.99 12.15
N ALA A 63 21.66 10.04 12.17
CA ALA A 63 21.80 8.88 13.04
C ALA A 63 23.00 8.00 12.64
N LEU A 64 23.19 7.85 11.34
CA LEU A 64 24.34 7.14 10.75
C LEU A 64 25.67 7.77 11.20
N LEU A 65 25.83 9.07 10.91
CA LEU A 65 27.10 9.73 11.17
C LEU A 65 27.37 9.84 12.65
N GLY A 66 26.30 9.97 13.44
CA GLY A 66 26.42 10.11 14.88
C GLY A 66 26.42 11.55 15.33
N ASP A 67 25.45 12.32 14.84
CA ASP A 67 25.09 13.65 15.37
C ASP A 67 24.76 13.53 16.89
N PRO A 68 25.12 14.55 17.71
CA PRO A 68 24.90 14.44 19.17
C PRO A 68 23.45 14.25 19.63
N GLN A 69 22.47 14.61 18.83
CA GLN A 69 21.08 14.28 19.22
C GLN A 69 20.68 12.83 18.95
N CYS A 70 21.58 12.03 18.37
CA CYS A 70 21.23 10.72 17.83
C CYS A 70 21.94 9.52 18.45
N ASP A 71 22.59 9.70 19.60
CA ASP A 71 23.36 8.61 20.19
C ASP A 71 22.51 7.42 20.60
N GLY A 72 21.24 7.67 20.95
CA GLY A 72 20.30 6.61 21.30
C GLY A 72 20.00 5.62 20.17
N PHE A 73 20.31 6.01 18.92
CA PHE A 73 20.10 5.17 17.73
C PHE A 73 21.20 4.12 17.42
N GLN A 74 22.30 4.12 18.18
CA GLN A 74 23.43 3.30 17.80
C GLN A 74 23.02 1.86 17.73
N ASN A 75 23.37 1.23 16.61
CA ASN A 75 23.18 -0.21 16.40
C ASN A 75 21.75 -0.68 16.27
N LYS A 76 20.80 0.25 16.20
CA LYS A 76 19.36 -0.12 16.11
C LYS A 76 19.00 -0.58 14.71
N LYS A 77 17.94 -1.40 14.65
CA LYS A 77 17.43 -1.93 13.41
C LYS A 77 15.98 -1.44 13.24
N TRP A 78 15.49 -1.55 12.02
CA TRP A 78 14.08 -1.20 11.71
C TRP A 78 13.58 -1.95 10.51
N ASP A 79 12.27 -2.09 10.46
CA ASP A 79 11.55 -2.32 9.23
C ASP A 79 11.24 -1.00 8.55
N LEU A 80 10.78 -0.02 9.32
CA LEU A 80 10.46 1.32 8.77
C LEU A 80 11.03 2.41 9.65
N PHE A 81 11.95 3.18 9.10
CA PHE A 81 12.50 4.33 9.75
C PHE A 81 11.60 5.50 9.41
N VAL A 82 11.08 6.19 10.42
CA VAL A 82 10.16 7.32 10.21
C VAL A 82 10.89 8.64 10.43
N GLU A 83 11.07 9.42 9.34
CA GLU A 83 11.78 10.70 9.39
C GLU A 83 10.80 11.85 9.54
N ARG A 84 11.03 12.71 10.51
CA ARG A 84 10.10 13.79 10.89
C ARG A 84 10.51 15.09 10.23
N SER A 85 9.52 15.91 9.84
CA SER A 85 9.81 17.16 9.11
C SER A 85 10.59 18.16 9.95
N LYS A 86 10.43 18.11 11.27
CA LYS A 86 11.17 18.99 12.20
C LYS A 86 12.63 18.61 12.40
N ALA A 87 13.07 17.45 11.92
CA ALA A 87 14.46 17.01 12.17
C ALA A 87 15.47 18.03 11.64
N TYR A 88 16.53 18.28 12.42
CA TYR A 88 17.58 19.22 12.00
C TYR A 88 18.92 18.71 12.51
N SER A 89 20.00 19.10 11.83
CA SER A 89 21.36 18.73 12.23
C SER A 89 21.95 19.69 13.28
N ASN A 90 22.72 19.16 14.20
CA ASN A 90 23.32 19.97 15.27
C ASN A 90 24.79 19.57 15.48
N CYS A 91 25.51 19.46 14.36
CA CYS A 91 26.92 19.09 14.36
C CYS A 91 27.61 19.95 13.31
N TYR A 92 28.79 19.53 12.88
CA TYR A 92 29.55 20.29 11.89
C TYR A 92 28.80 20.32 10.57
N PRO A 93 28.74 21.49 9.91
CA PRO A 93 28.02 21.54 8.65
C PRO A 93 28.61 20.62 7.58
N TYR A 94 27.76 19.80 6.97
CA TYR A 94 28.19 18.83 5.99
C TYR A 94 27.24 18.72 4.82
N ASP A 95 27.74 18.16 3.72
CA ASP A 95 26.93 17.68 2.62
C ASP A 95 27.35 16.28 2.21
N VAL A 96 26.47 15.62 1.47
CA VAL A 96 26.71 14.27 0.97
C VAL A 96 26.41 14.31 -0.50
N PRO A 97 27.46 14.35 -1.35
CA PRO A 97 27.11 14.15 -2.75
C PRO A 97 26.33 12.81 -2.90
N ASP A 98 25.20 12.84 -3.61
CA ASP A 98 24.39 11.62 -3.77
C ASP A 98 23.61 11.23 -2.51
N TYR A 99 23.41 12.19 -1.61
CA TYR A 99 22.68 12.03 -0.35
C TYR A 99 21.54 11.04 -0.51
N ALA A 100 20.72 11.21 -1.54
CA ALA A 100 19.55 10.36 -1.73
C ALA A 100 19.91 8.88 -1.82
N SER A 101 21.02 8.58 -2.46
CA SER A 101 21.45 7.16 -2.59
C SER A 101 21.98 6.59 -1.28
N LEU A 102 22.74 7.38 -0.52
CA LEU A 102 23.22 6.88 0.77
C LEU A 102 22.04 6.65 1.71
N ARG A 103 21.15 7.63 1.78
CA ARG A 103 19.92 7.51 2.57
C ARG A 103 19.16 6.24 2.16
N SER A 104 18.98 6.05 0.85
CA SER A 104 18.26 4.88 0.36
C SER A 104 18.92 3.56 0.71
N LEU A 105 20.24 3.46 0.51
CA LEU A 105 20.87 2.18 0.73
C LEU A 105 20.91 1.81 2.22
N VAL A 106 21.05 2.79 3.10
CA VAL A 106 21.02 2.52 4.54
C VAL A 106 19.59 2.17 4.97
N ALA A 107 18.62 2.90 4.45
CA ALA A 107 17.19 2.63 4.73
C ALA A 107 16.79 1.20 4.40
N SER A 108 17.24 0.75 3.22
CA SER A 108 16.94 -0.58 2.68
C SER A 108 17.66 -1.68 3.46
N SER A 109 18.87 -1.37 3.92
CA SER A 109 19.68 -2.30 4.74
C SER A 109 18.99 -2.55 6.10
N GLY A 110 18.45 -1.49 6.69
CA GLY A 110 17.60 -1.64 7.89
C GLY A 110 18.37 -1.79 9.18
N THR A 111 19.63 -1.37 9.21
CA THR A 111 20.44 -1.50 10.42
C THR A 111 21.50 -0.42 10.50
N LEU A 112 21.75 0.02 11.75
CA LEU A 112 22.86 0.90 12.08
C LEU A 112 23.96 0.18 12.83
N GLU A 113 23.95 -1.16 12.79
CA GLU A 113 24.99 -1.96 13.44
C GLU A 113 26.38 -1.51 12.97
N PHE A 114 27.22 -1.16 13.93
CA PHE A 114 28.52 -0.60 13.65
C PHE A 114 29.55 -1.39 14.41
N ASN A 115 30.66 -1.71 13.76
CA ASN A 115 31.79 -2.36 14.42
C ASN A 115 33.06 -1.50 14.31
N ASN A 116 33.62 -1.13 15.45
CA ASN A 116 34.84 -0.32 15.49
C ASN A 116 35.99 -1.14 14.97
N GLU A 117 36.93 -0.48 14.31
CA GLU A 117 38.15 -1.12 13.84
C GLU A 117 39.34 -0.27 14.21
N SER A 118 40.48 -0.93 14.40
CA SER A 118 41.71 -0.27 14.86
C SER A 118 42.56 0.16 13.67
N PHE A 119 42.25 1.33 13.11
CA PHE A 119 43.07 1.94 12.05
C PHE A 119 44.33 2.53 12.65
N ASN A 120 45.45 2.27 12.00
CA ASN A 120 46.74 2.76 12.48
C ASN A 120 46.98 4.14 11.86
N TRP A 121 46.52 5.19 12.53
CA TRP A 121 46.73 6.56 12.06
C TRP A 121 48.06 7.06 12.62
N ALA A 122 49.14 6.45 12.15
CA ALA A 122 50.48 6.75 12.65
C ALA A 122 50.86 8.19 12.35
N GLY A 123 51.27 8.92 13.38
CA GLY A 123 51.91 10.21 13.23
C GLY A 123 51.02 11.45 13.21
N VAL A 124 49.72 11.29 13.48
CA VAL A 124 48.76 12.41 13.51
C VAL A 124 47.98 12.48 14.83
N THR A 125 47.35 13.62 15.08
CA THR A 125 46.47 13.82 16.24
C THR A 125 45.07 13.34 15.86
N GLN A 126 44.46 12.50 16.70
CA GLN A 126 43.08 11.98 16.43
C GLN A 126 42.02 12.73 17.23
N ASN A 127 40.76 12.42 16.95
CA ASN A 127 39.63 12.86 17.78
C ASN A 127 39.40 14.38 17.82
N GLY A 128 39.59 15.08 16.70
CA GLY A 128 39.30 16.52 16.66
C GLY A 128 37.82 16.80 16.93
N THR A 129 37.55 17.95 17.54
CA THR A 129 36.17 18.31 17.92
C THR A 129 35.87 19.74 17.53
N SER A 130 34.61 20.16 17.72
CA SER A 130 34.18 21.51 17.35
C SER A 130 33.03 22.00 18.26
N SER A 131 32.96 23.32 18.40
CA SER A 131 31.88 23.97 19.15
CA SER A 131 31.88 23.95 19.16
C SER A 131 30.56 23.93 18.39
N ALA A 132 30.62 23.63 17.09
CA ALA A 132 29.40 23.45 16.28
C ALA A 132 28.75 22.07 16.49
N CYS A 133 29.40 21.18 17.23
CA CYS A 133 28.91 19.83 17.48
C CYS A 133 29.09 19.45 18.93
N LYS A 134 28.32 20.08 19.81
CA LYS A 134 28.45 19.84 21.24
C LYS A 134 27.73 18.60 21.75
N ARG A 135 28.38 17.95 22.71
CA ARG A 135 27.71 17.03 23.63
C ARG A 135 27.87 17.63 25.02
N ARG A 136 26.76 17.78 25.74
CA ARG A 136 26.75 18.26 27.14
C ARG A 136 27.62 19.51 27.37
N SER A 137 27.54 20.44 26.42
CA SER A 137 28.34 21.67 26.37
C SER A 137 29.85 21.53 26.09
N ASN A 138 30.37 20.29 25.98
CA ASN A 138 31.75 20.09 25.53
C ASN A 138 31.76 20.15 24.01
N LYS A 139 32.90 20.54 23.45
CA LYS A 139 33.17 20.36 22.02
C LYS A 139 33.17 18.86 21.71
N SER A 140 32.58 18.50 20.58
CA SER A 140 32.52 17.10 20.20
C SER A 140 32.51 17.00 18.67
N PHE A 141 32.21 15.81 18.17
CA PHE A 141 32.17 15.56 16.73
C PHE A 141 31.23 14.39 16.44
N PHE A 142 30.97 14.12 15.17
CA PHE A 142 30.26 12.92 14.79
C PHE A 142 30.90 11.69 15.44
N SER A 143 30.08 10.89 16.11
CA SER A 143 30.59 9.72 16.83
C SER A 143 31.30 8.70 15.95
N ARG A 144 30.85 8.53 14.70
CA ARG A 144 31.42 7.48 13.86
C ARG A 144 32.60 7.94 12.99
N LEU A 145 32.99 9.20 13.13
CA LEU A 145 34.06 9.78 12.32
C LEU A 145 35.18 10.29 13.22
N ASN A 146 36.36 10.40 12.66
CA ASN A 146 37.56 10.72 13.42
C ASN A 146 38.30 11.83 12.67
N TRP A 147 38.21 13.04 13.22
CA TRP A 147 38.87 14.21 12.63
C TRP A 147 40.37 14.23 12.96
N LEU A 148 41.20 13.87 11.97
CA LEU A 148 42.66 13.80 12.11
C LEU A 148 43.29 15.17 11.82
N THR A 149 44.30 15.55 12.60
CA THR A 149 45.04 16.82 12.41
C THR A 149 46.52 16.59 12.67
N HIS A 150 47.34 17.61 12.42
CA HIS A 150 48.77 17.50 12.61
C HIS A 150 49.15 17.10 14.05
N LEU A 151 50.30 16.44 14.17
CA LEU A 151 50.92 16.13 15.45
C LEU A 151 52.28 16.83 15.43
N LYS A 152 52.43 17.84 16.29
CA LYS A 152 53.66 18.65 16.40
C LYS A 152 54.09 19.24 15.06
N TYR A 153 53.11 19.82 14.38
CA TYR A 153 53.24 20.49 13.08
C TYR A 153 53.70 19.61 11.92
N LYS A 154 53.50 18.29 12.05
CA LYS A 154 53.70 17.37 10.94
C LYS A 154 52.43 16.55 10.75
N TYR A 155 52.15 16.24 9.49
CA TYR A 155 51.09 15.33 9.10
C TYR A 155 51.71 14.38 8.08
N PRO A 156 52.31 13.28 8.55
CA PRO A 156 52.95 12.37 7.59
C PRO A 156 51.89 11.69 6.76
N ALA A 157 52.24 11.35 5.51
CA ALA A 157 51.29 10.74 4.61
C ALA A 157 50.68 9.49 5.25
N LEU A 158 49.37 9.33 5.08
CA LEU A 158 48.64 8.17 5.58
C LEU A 158 48.53 7.17 4.45
N ASN A 159 48.79 5.92 4.74
CA ASN A 159 48.74 4.84 3.76
C ASN A 159 48.33 3.59 4.49
N VAL A 160 47.01 3.48 4.71
CA VAL A 160 46.44 2.62 5.73
C VAL A 160 45.49 1.61 5.12
N THR A 161 45.54 0.38 5.62
CA THR A 161 44.89 -0.78 5.03
C THR A 161 43.92 -1.37 6.05
N MET A 162 42.78 -1.89 5.58
CA MET A 162 41.87 -2.65 6.45
C MET A 162 41.23 -3.78 5.64
N PRO A 163 41.73 -5.02 5.83
CA PRO A 163 41.18 -6.14 5.07
C PRO A 163 39.78 -6.55 5.55
N ASN A 164 38.92 -6.95 4.63
CA ASN A 164 37.64 -7.54 4.99
C ASN A 164 37.80 -9.07 4.96
N ASN A 165 38.04 -9.63 6.14
CA ASN A 165 38.12 -11.08 6.33
C ASN A 165 36.85 -11.66 6.92
N GLU A 166 35.73 -10.94 6.76
CA GLU A 166 34.43 -11.39 7.18
C GLU A 166 33.75 -12.11 6.03
N LYS A 167 32.60 -12.69 6.33
CA LYS A 167 31.73 -13.31 5.31
C LYS A 167 30.68 -12.34 4.75
N PHE A 168 30.65 -11.10 5.24
CA PHE A 168 29.66 -10.09 4.83
C PHE A 168 30.35 -8.82 4.30
N ASP A 169 29.59 -8.00 3.60
CA ASP A 169 30.05 -6.71 3.10
C ASP A 169 30.17 -5.69 4.22
N LYS A 170 31.10 -4.76 4.06
CA LYS A 170 31.29 -3.66 4.99
C LYS A 170 30.99 -2.33 4.31
N LEU A 171 30.25 -1.48 5.00
CA LEU A 171 29.99 -0.12 4.55
C LEU A 171 30.81 0.83 5.37
N TYR A 172 31.71 1.55 4.71
CA TYR A 172 32.55 2.57 5.33
C TYR A 172 32.07 3.98 4.96
N ILE A 173 31.90 4.82 5.98
CA ILE A 173 31.57 6.21 5.83
C ILE A 173 32.79 7.05 6.23
N TRP A 174 33.15 7.99 5.39
CA TRP A 174 34.35 8.81 5.60
C TRP A 174 34.07 10.16 4.96
N GLY A 175 34.98 11.10 5.13
CA GLY A 175 34.75 12.46 4.62
C GLY A 175 35.99 13.24 4.33
N VAL A 176 35.79 14.43 3.75
CA VAL A 176 36.86 15.38 3.51
C VAL A 176 36.44 16.70 4.14
N HIS A 177 37.40 17.35 4.77
CA HIS A 177 37.20 18.64 5.37
C HIS A 177 37.70 19.70 4.39
N HIS A 178 36.82 20.65 4.11
CA HIS A 178 37.11 21.79 3.26
C HIS A 178 37.32 23.00 4.16
N PRO A 179 38.58 23.42 4.39
CA PRO A 179 38.74 24.56 5.30
C PRO A 179 38.34 25.87 4.68
N VAL A 180 38.05 26.83 5.56
CA VAL A 180 37.62 28.16 5.15
C VAL A 180 38.72 28.95 4.44
N THR A 181 39.96 28.82 4.94
CA THR A 181 41.11 29.59 4.46
C THR A 181 42.42 28.78 4.40
N ASP A 182 43.35 29.29 3.60
CA ASP A 182 44.72 28.78 3.51
C ASP A 182 45.42 28.69 4.88
N SER A 183 45.23 29.68 5.74
CA SER A 183 45.84 29.63 7.07
C SER A 183 45.17 28.56 7.95
N ASP A 184 43.87 28.34 7.75
CA ASP A 184 43.18 27.24 8.43
C ASP A 184 43.68 25.89 7.94
N GLN A 185 43.91 25.75 6.64
CA GLN A 185 44.49 24.52 6.06
C GLN A 185 45.82 24.18 6.78
N ILE A 186 46.69 25.18 6.92
CA ILE A 186 48.00 24.97 7.54
C ILE A 186 47.87 24.70 9.06
N SER A 187 47.06 25.50 9.74
CA SER A 187 46.81 25.29 11.18
C SER A 187 46.35 23.88 11.55
N LEU A 188 45.53 23.27 10.67
CA LEU A 188 45.01 21.93 10.89
C LEU A 188 45.90 20.81 10.40
N TYR A 189 46.46 20.97 9.19
CA TYR A 189 47.13 19.84 8.49
C TYR A 189 48.62 20.05 8.17
N ALA A 190 49.14 21.24 8.43
CA ALA A 190 50.58 21.53 8.29
C ALA A 190 51.12 21.40 6.85
N GLN A 191 50.25 21.55 5.85
CA GLN A 191 50.66 21.58 4.44
C GLN A 191 49.52 22.12 3.59
N ALA A 192 49.89 22.80 2.49
CA ALA A 192 49.00 23.75 1.78
C ALA A 192 47.79 23.14 1.09
N SER A 193 47.80 21.81 0.91
CA SER A 193 46.64 21.13 0.39
C SER A 193 46.64 19.71 0.92
N GLY A 194 45.52 19.06 0.70
CA GLY A 194 45.35 17.64 0.95
C GLY A 194 44.83 16.99 -0.31
N ARG A 195 44.75 15.67 -0.26
CA ARG A 195 44.17 14.87 -1.33
C ARG A 195 43.90 13.53 -0.70
N ILE A 196 42.76 12.92 -1.02
CA ILE A 196 42.35 11.68 -0.38
C ILE A 196 41.97 10.70 -1.47
N THR A 197 42.61 9.53 -1.45
CA THR A 197 42.24 8.44 -2.36
C THR A 197 41.88 7.22 -1.52
N VAL A 198 40.63 6.78 -1.68
CA VAL A 198 40.12 5.62 -0.99
C VAL A 198 39.80 4.56 -2.02
N SER A 199 40.41 3.39 -1.88
CA SER A 199 40.30 2.37 -2.91
C SER A 199 40.13 0.97 -2.36
N THR A 200 39.69 0.10 -3.26
CA THR A 200 39.68 -1.33 -3.02
C THR A 200 40.33 -1.93 -4.25
N LYS A 201 40.33 -3.26 -4.33
CA LYS A 201 40.76 -3.96 -5.54
C LYS A 201 39.92 -3.62 -6.78
N ARG A 202 38.64 -3.27 -6.58
CA ARG A 202 37.73 -3.03 -7.70
C ARG A 202 37.15 -1.63 -7.83
N SER A 203 37.49 -0.72 -6.94
CA SER A 203 36.94 0.62 -7.02
C SER A 203 37.92 1.64 -6.46
N GLN A 204 37.75 2.89 -6.85
CA GLN A 204 38.57 3.97 -6.30
C GLN A 204 37.80 5.29 -6.33
N GLN A 205 38.05 6.14 -5.34
CA GLN A 205 37.47 7.46 -5.24
C GLN A 205 38.58 8.38 -4.81
N THR A 206 38.82 9.46 -5.53
CA THR A 206 39.66 10.51 -4.97
C THR A 206 38.93 11.85 -4.89
N VAL A 207 39.15 12.53 -3.78
CA VAL A 207 38.47 13.76 -3.46
C VAL A 207 39.54 14.77 -3.09
N ILE A 208 39.35 15.97 -3.61
CA ILE A 208 40.23 17.11 -3.44
C ILE A 208 39.53 18.09 -2.50
N PRO A 209 40.17 18.49 -1.39
CA PRO A 209 39.57 19.57 -0.60
C PRO A 209 39.60 20.88 -1.36
N ASN A 210 38.62 21.73 -1.07
CA ASN A 210 38.37 22.96 -1.79
C ASN A 210 38.28 24.07 -0.77
N ILE A 211 39.37 24.84 -0.63
CA ILE A 211 39.48 25.86 0.41
C ILE A 211 38.64 27.08 0.02
N GLY A 212 37.85 27.58 0.96
CA GLY A 212 36.99 28.75 0.70
C GLY A 212 35.86 28.97 1.69
N PHE A 213 35.26 30.15 1.60
CA PHE A 213 34.10 30.51 2.43
C PHE A 213 32.78 29.99 1.87
N ARG A 214 32.01 29.38 2.77
CA ARG A 214 30.59 29.12 2.58
C ARG A 214 29.85 29.87 3.69
N PRO A 215 28.55 30.12 3.52
CA PRO A 215 27.79 30.82 4.56
C PRO A 215 27.88 30.12 5.91
N ARG A 216 28.03 30.92 6.96
CA ARG A 216 28.19 30.37 8.30
C ARG A 216 26.98 29.58 8.73
N VAL A 217 27.21 28.36 9.22
CA VAL A 217 26.15 27.54 9.79
C VAL A 217 26.73 27.09 11.12
N ARG A 218 26.03 27.42 12.21
CA ARG A 218 26.53 27.24 13.58
C ARG A 218 27.95 27.79 13.73
N ASP A 219 28.12 29.01 13.20
CA ASP A 219 29.38 29.75 13.22
C ASP A 219 30.55 29.13 12.44
N ILE A 220 30.27 28.17 11.55
CA ILE A 220 31.28 27.51 10.76
C ILE A 220 31.09 27.84 9.28
N SER A 221 32.15 28.36 8.65
CA SER A 221 32.16 28.60 7.22
C SER A 221 32.88 27.54 6.42
N SER A 222 33.55 26.59 7.08
CA SER A 222 34.05 25.42 6.34
CA SER A 222 34.08 25.37 6.44
C SER A 222 32.94 24.36 6.18
N ARG A 223 33.28 23.28 5.49
CA ARG A 223 32.32 22.19 5.28
C ARG A 223 33.03 20.85 5.36
N ILE A 224 32.26 19.82 5.64
CA ILE A 224 32.71 18.46 5.44
C ILE A 224 31.83 17.84 4.35
N SER A 225 32.44 17.10 3.41
CA SER A 225 31.70 16.35 2.41
C SER A 225 31.86 14.87 2.69
N ILE A 226 30.76 14.14 2.69
CA ILE A 226 30.71 12.76 3.13
C ILE A 226 30.68 11.83 1.94
N TYR A 227 31.46 10.75 2.00
CA TYR A 227 31.55 9.74 0.96
C TYR A 227 31.38 8.36 1.59
N TRP A 228 31.16 7.35 0.75
CA TRP A 228 31.07 6.00 1.27
C TRP A 228 31.69 5.00 0.33
N THR A 229 32.06 3.86 0.88
CA THR A 229 32.73 2.80 0.15
C THR A 229 32.25 1.45 0.71
N ILE A 230 31.84 0.55 -0.17
CA ILE A 230 31.49 -0.81 0.22
C ILE A 230 32.66 -1.76 -0.08
N VAL A 231 33.01 -2.57 0.89
CA VAL A 231 34.15 -3.51 0.80
C VAL A 231 33.65 -4.95 0.92
N LYS A 232 33.87 -5.72 -0.14
CA LYS A 232 33.41 -7.11 -0.22
C LYS A 232 34.38 -8.03 0.55
N PRO A 233 33.90 -9.22 0.98
CA PRO A 233 34.75 -10.28 1.58
C PRO A 233 35.93 -10.61 0.69
N GLY A 234 37.12 -10.62 1.27
CA GLY A 234 38.35 -10.89 0.52
C GLY A 234 38.96 -9.65 -0.09
N ASP A 235 38.23 -8.52 -0.11
CA ASP A 235 38.78 -7.25 -0.57
C ASP A 235 39.37 -6.50 0.63
N ILE A 236 39.96 -5.33 0.35
CA ILE A 236 40.77 -4.58 1.28
C ILE A 236 40.48 -3.09 1.05
N LEU A 237 40.15 -2.36 2.11
CA LEU A 237 40.11 -0.90 2.06
C LEU A 237 41.51 -0.30 2.22
N LEU A 238 41.85 0.62 1.31
CA LEU A 238 43.11 1.35 1.36
C LEU A 238 42.79 2.82 1.36
N ILE A 239 43.20 3.51 2.41
CA ILE A 239 43.05 4.95 2.51
C ILE A 239 44.43 5.56 2.40
N ASN A 240 44.59 6.46 1.43
CA ASN A 240 45.84 7.18 1.25
C ASN A 240 45.61 8.68 1.15
N SER A 241 46.17 9.43 2.09
CA SER A 241 45.85 10.87 2.23
C SER A 241 46.99 11.63 2.87
N THR A 242 47.09 12.92 2.54
CA THR A 242 48.11 13.84 3.08
C THR A 242 47.53 15.03 3.86
N GLY A 243 46.28 14.92 4.29
CA GLY A 243 45.54 16.02 4.90
C GLY A 243 44.06 15.92 4.61
N ASN A 244 43.27 16.55 5.48
CA ASN A 244 41.86 16.81 5.27
C ASN A 244 40.95 15.59 5.37
N LEU A 245 41.48 14.44 5.80
CA LEU A 245 40.72 13.22 5.94
C LEU A 245 39.87 13.30 7.20
N ILE A 246 38.60 12.99 7.03
CA ILE A 246 37.69 12.73 8.15
C ILE A 246 37.51 11.22 8.11
N ALA A 247 38.18 10.56 9.03
CA ALA A 247 38.44 9.14 8.89
C ALA A 247 37.29 8.30 9.44
N PRO A 248 37.10 7.10 8.88
CA PRO A 248 36.16 6.15 9.47
C PRO A 248 36.68 5.59 10.80
N ARG A 249 35.76 5.25 11.72
CA ARG A 249 36.15 4.55 12.95
C ARG A 249 35.94 3.05 12.85
N GLY A 250 35.35 2.61 11.75
CA GLY A 250 35.01 1.22 11.58
C GLY A 250 33.98 1.13 10.49
N TYR A 251 33.15 0.09 10.53
CA TYR A 251 32.19 -0.14 9.45
C TYR A 251 30.79 -0.39 9.94
N PHE A 252 29.83 -0.14 9.04
CA PHE A 252 28.45 -0.58 9.23
C PHE A 252 28.20 -1.88 8.52
N LYS A 253 27.39 -2.72 9.16
CA LYS A 253 26.89 -3.92 8.52
C LYS A 253 25.93 -3.50 7.44
N ILE A 254 25.94 -4.20 6.33
CA ILE A 254 24.95 -3.94 5.31
C ILE A 254 24.19 -5.24 5.12
N ARG A 255 22.87 -5.17 5.29
CA ARG A 255 22.00 -6.33 5.21
C ARG A 255 21.06 -6.11 4.04
N SER A 256 20.34 -7.16 3.66
CA SER A 256 19.27 -7.01 2.71
C SER A 256 17.99 -7.58 3.29
N GLY A 257 16.88 -6.95 2.92
CA GLY A 257 15.61 -7.40 3.43
C GLY A 257 14.54 -6.41 3.09
N LYS A 258 13.56 -6.32 3.97
CA LYS A 258 12.34 -5.60 3.69
C LYS A 258 12.31 -4.19 4.26
N SER A 259 13.45 -3.62 4.64
CA SER A 259 13.45 -2.33 5.33
C SER A 259 13.30 -1.12 4.40
N SER A 260 12.76 -0.03 4.93
CA SER A 260 12.60 1.19 4.18
C SER A 260 12.55 2.39 5.12
N ILE A 261 12.28 3.54 4.54
CA ILE A 261 12.19 4.81 5.21
C ILE A 261 11.00 5.57 4.70
N MET A 262 10.37 6.35 5.57
CA MET A 262 9.18 7.11 5.16
C MET A 262 9.21 8.44 5.83
N ARG A 263 8.83 9.49 5.10
CA ARG A 263 8.66 10.81 5.70
C ARG A 263 7.23 10.97 6.19
N SER A 264 7.08 11.24 7.49
CA SER A 264 5.76 11.41 8.08
C SER A 264 5.85 12.14 9.40
N ASP A 265 4.82 12.91 9.68
CA ASP A 265 4.67 13.53 11.01
C ASP A 265 3.54 12.87 11.83
N ALA A 266 3.08 11.70 11.40
CA ALA A 266 2.00 11.02 12.10
C ALA A 266 2.53 10.45 13.43
N PRO A 267 1.77 10.59 14.51
CA PRO A 267 2.20 9.97 15.76
C PRO A 267 2.24 8.45 15.66
N ILE A 268 3.18 7.84 16.40
CA ILE A 268 3.24 6.37 16.57
CA ILE A 268 3.20 6.39 16.55
C ILE A 268 2.28 5.90 17.69
N GLY A 269 1.45 4.92 17.39
CA GLY A 269 0.48 4.44 18.36
C GLY A 269 0.73 2.99 18.69
N LYS A 270 0.18 2.56 19.84
CA LYS A 270 0.24 1.15 20.23
C LYS A 270 -0.96 0.47 19.63
N CYS A 271 -0.79 -0.12 18.46
CA CYS A 271 -1.86 -0.79 17.74
C CYS A 271 -1.21 -1.66 16.67
N ASN A 272 -2.03 -2.40 15.93
CA ASN A 272 -1.55 -3.38 14.96
C ASN A 272 -2.20 -3.16 13.63
N SER A 273 -1.40 -2.82 12.65
CA SER A 273 -1.90 -2.63 11.29
C SER A 273 -0.82 -2.92 10.25
N GLU A 274 -1.14 -3.73 9.24
CA GLU A 274 -0.13 -4.14 8.24
C GLU A 274 0.29 -3.03 7.28
N CYS A 275 -0.62 -2.12 6.95
CA CYS A 275 -0.36 -1.13 5.91
C CYS A 275 -0.10 0.24 6.52
N ILE A 276 1.07 0.81 6.20
CA ILE A 276 1.47 2.13 6.66
C ILE A 276 1.51 3.09 5.48
N THR A 277 0.97 4.28 5.70
CA THR A 277 1.12 5.43 4.82
C THR A 277 1.61 6.63 5.64
N PRO A 278 2.08 7.71 4.98
CA PRO A 278 2.47 8.91 5.76
C PRO A 278 1.35 9.54 6.57
N ASN A 279 0.11 9.31 6.17
CA ASN A 279 -1.05 9.77 6.87
C ASN A 279 -1.37 8.98 8.13
N GLY A 280 -0.77 7.79 8.27
CA GLY A 280 -1.10 6.83 9.29
C GLY A 280 -1.38 5.48 8.70
N SER A 281 -1.55 4.50 9.55
CA SER A 281 -1.89 3.14 9.12
C SER A 281 -3.30 3.13 8.54
N ILE A 282 -3.54 2.25 7.60
CA ILE A 282 -4.86 2.08 6.99
C ILE A 282 -5.24 0.62 6.96
N PRO A 283 -6.55 0.30 7.11
CA PRO A 283 -7.01 -1.06 6.92
C PRO A 283 -6.68 -1.55 5.50
N ASN A 284 -6.48 -2.86 5.36
CA ASN A 284 -6.06 -3.41 4.07
C ASN A 284 -7.02 -4.49 3.53
N ASP A 285 -8.27 -4.46 3.99
CA ASP A 285 -9.33 -5.35 3.48
C ASP A 285 -9.65 -5.05 1.99
N LYS A 286 -9.61 -3.77 1.60
CA LYS A 286 -10.04 -3.37 0.26
C LYS A 286 -8.89 -3.47 -0.72
N PRO A 287 -9.20 -3.70 -1.99
CA PRO A 287 -8.12 -3.84 -2.97
C PRO A 287 -7.41 -2.54 -3.36
N PHE A 288 -8.09 -1.41 -3.18
CA PHE A 288 -7.61 -0.10 -3.63
C PHE A 288 -7.70 0.89 -2.46
N GLN A 289 -6.97 1.97 -2.60
CA GLN A 289 -6.98 3.04 -1.62
C GLN A 289 -6.64 4.34 -2.28
N ASN A 290 -7.13 5.41 -1.71
CA ASN A 290 -6.79 6.74 -2.24
CA ASN A 290 -6.92 6.76 -2.19
C ASN A 290 -6.22 7.68 -1.14
N VAL A 291 -5.66 7.05 -0.13
CA VAL A 291 -5.05 7.80 0.99
C VAL A 291 -3.70 8.40 0.57
N ASN A 292 -2.81 7.57 0.03
CA ASN A 292 -1.47 8.04 -0.34
C ASN A 292 -0.79 7.09 -1.28
N ARG A 293 -0.07 7.64 -2.25
CA ARG A 293 0.70 6.82 -3.16
C ARG A 293 1.85 6.17 -2.38
N ILE A 294 2.33 6.85 -1.34
CA ILE A 294 3.43 6.32 -0.50
C ILE A 294 2.89 5.30 0.48
N THR A 295 3.36 4.05 0.35
CA THR A 295 2.93 2.98 1.23
C THR A 295 4.07 2.06 1.65
N TYR A 296 3.87 1.34 2.74
CA TYR A 296 4.77 0.31 3.23
C TYR A 296 3.94 -0.81 3.84
N GLY A 297 4.24 -2.04 3.44
CA GLY A 297 3.55 -3.21 3.96
C GLY A 297 2.50 -3.75 3.03
N ALA A 298 1.60 -4.59 3.57
CA ALA A 298 0.54 -5.20 2.78
C ALA A 298 -0.56 -4.19 2.64
N CYS A 299 -0.56 -3.51 1.49
CA CYS A 299 -1.40 -2.35 1.31
C CYS A 299 -2.30 -2.47 0.09
N PRO A 300 -3.49 -1.87 0.15
CA PRO A 300 -4.25 -1.72 -1.09
C PRO A 300 -3.48 -0.84 -2.11
N ARG A 301 -3.82 -1.00 -3.38
CA ARG A 301 -3.16 -0.27 -4.43
C ARG A 301 -3.72 1.14 -4.56
N TYR A 302 -2.84 2.11 -4.72
CA TYR A 302 -3.27 3.49 -4.85
C TYR A 302 -3.95 3.77 -6.20
N VAL A 303 -5.12 4.39 -6.12
CA VAL A 303 -5.87 4.81 -7.30
C VAL A 303 -6.34 6.24 -7.10
N LYS A 304 -6.73 6.87 -8.19
CA LYS A 304 -7.24 8.26 -8.14
C LYS A 304 -8.67 8.40 -7.65
N GLN A 305 -9.50 7.37 -7.84
CA GLN A 305 -10.89 7.43 -7.46
C GLN A 305 -11.02 7.47 -5.94
N ASN A 306 -12.00 8.21 -5.44
CA ASN A 306 -12.21 8.21 -3.98
C ASN A 306 -13.27 7.22 -3.52
N THR A 307 -13.98 6.62 -4.48
CA THR A 307 -14.98 5.57 -4.22
C THR A 307 -15.13 4.69 -5.47
N LEU A 308 -15.27 3.39 -5.26
CA LEU A 308 -15.59 2.43 -6.33
C LEU A 308 -16.49 1.38 -5.69
N LYS A 309 -17.79 1.39 -6.02
CA LYS A 309 -18.77 0.51 -5.36
CA LYS A 309 -18.73 0.50 -5.35
C LYS A 309 -18.96 -0.75 -6.18
N LEU A 310 -18.70 -1.89 -5.58
CA LEU A 310 -18.92 -3.18 -6.21
C LEU A 310 -20.32 -3.68 -5.82
N ALA A 311 -21.19 -3.91 -6.79
CA ALA A 311 -22.51 -4.46 -6.50
C ALA A 311 -22.36 -5.85 -5.84
N THR A 312 -23.17 -6.08 -4.82
CA THR A 312 -23.23 -7.34 -4.13
C THR A 312 -24.66 -7.84 -4.07
N GLY A 313 -25.49 -7.37 -5.01
CA GLY A 313 -26.88 -7.80 -5.09
C GLY A 313 -27.43 -7.42 -6.44
N MET A 314 -28.68 -7.83 -6.68
CA MET A 314 -29.34 -7.63 -7.94
C MET A 314 -29.78 -6.18 -8.11
N ARG A 315 -30.22 -5.86 -9.32
CA ARG A 315 -30.89 -4.61 -9.53
C ARG A 315 -32.06 -4.41 -8.56
N ASN A 316 -32.16 -3.21 -8.00
CA ASN A 316 -33.20 -2.92 -7.03
C ASN A 316 -34.36 -2.30 -7.76
N VAL A 317 -35.52 -2.93 -7.66
CA VAL A 317 -36.72 -2.51 -8.39
C VAL A 317 -37.83 -2.36 -7.33
N PRO A 318 -37.89 -1.19 -6.71
CA PRO A 318 -38.81 -1.02 -5.57
C PRO A 318 -40.26 -1.04 -5.99
N GLU A 319 -41.12 -1.31 -5.02
CA GLU A 319 -42.56 -1.42 -5.26
C GLU A 319 -43.21 -0.07 -5.55
N GLY B 1 -30.19 -7.60 -16.49
CA GLY B 1 -31.13 -7.14 -17.52
C GLY B 1 -31.07 -7.88 -18.84
N ILE B 2 -29.99 -8.62 -19.13
CA ILE B 2 -29.82 -9.23 -20.45
C ILE B 2 -30.80 -10.41 -20.67
N PHE B 3 -31.32 -11.00 -19.58
CA PHE B 3 -32.34 -12.05 -19.69
C PHE B 3 -33.76 -11.50 -19.72
N GLY B 4 -33.97 -10.36 -19.11
CA GLY B 4 -35.23 -9.66 -19.25
C GLY B 4 -36.27 -9.96 -18.17
N ALA B 5 -35.85 -10.58 -17.07
CA ALA B 5 -36.78 -10.88 -15.95
C ALA B 5 -36.77 -9.74 -14.94
N ILE B 6 -35.64 -9.56 -14.25
CA ILE B 6 -35.51 -8.48 -13.28
C ILE B 6 -35.47 -7.12 -14.01
N ALA B 7 -36.32 -6.19 -13.58
CA ALA B 7 -36.53 -4.90 -14.28
C ALA B 7 -37.06 -5.12 -15.71
N GLY B 8 -37.68 -6.28 -15.95
CA GLY B 8 -38.23 -6.62 -17.25
C GLY B 8 -39.64 -7.16 -17.10
N PHE B 9 -39.85 -8.44 -17.40
CA PHE B 9 -41.19 -9.00 -17.31
C PHE B 9 -41.72 -9.16 -15.89
N ILE B 10 -40.84 -9.25 -14.91
CA ILE B 10 -41.25 -9.13 -13.53
CA ILE B 10 -41.18 -9.13 -13.49
C ILE B 10 -41.30 -7.62 -13.25
N GLU B 11 -42.49 -7.13 -12.96
CA GLU B 11 -42.70 -5.68 -12.86
C GLU B 11 -41.87 -4.98 -11.79
N ASN B 12 -41.79 -5.59 -10.62
CA ASN B 12 -40.97 -5.06 -9.55
C ASN B 12 -40.61 -6.13 -8.54
N GLY B 13 -39.72 -5.77 -7.64
CA GLY B 13 -39.31 -6.68 -6.58
C GLY B 13 -40.27 -6.61 -5.40
N TRP B 14 -40.01 -7.48 -4.45
CA TRP B 14 -40.84 -7.65 -3.24
C TRP B 14 -40.04 -7.20 -2.02
N GLU B 15 -40.34 -6.01 -1.51
CA GLU B 15 -39.69 -5.52 -0.28
C GLU B 15 -39.99 -6.39 0.93
N GLY B 16 -41.15 -7.05 0.94
CA GLY B 16 -41.54 -7.99 2.02
C GLY B 16 -40.95 -9.38 1.96
N MET B 17 -40.10 -9.67 0.96
CA MET B 17 -39.36 -10.91 0.95
C MET B 17 -37.98 -10.67 1.56
N VAL B 18 -37.84 -11.11 2.80
CA VAL B 18 -36.63 -10.89 3.57
C VAL B 18 -35.89 -12.17 3.95
N ASP B 19 -36.38 -13.33 3.55
CA ASP B 19 -35.69 -14.58 3.85
C ASP B 19 -35.14 -15.27 2.62
N GLY B 20 -35.11 -14.56 1.50
CA GLY B 20 -34.48 -15.06 0.29
C GLY B 20 -34.44 -13.96 -0.75
N TRP B 21 -33.73 -14.22 -1.84
CA TRP B 21 -33.61 -13.28 -2.92
C TRP B 21 -34.61 -13.52 -4.03
N TYR B 22 -35.05 -14.76 -4.19
CA TYR B 22 -36.04 -15.13 -5.20
C TYR B 22 -37.07 -16.03 -4.53
N GLY B 23 -38.27 -16.08 -5.08
CA GLY B 23 -39.27 -16.97 -4.54
C GLY B 23 -40.61 -16.86 -5.22
N PHE B 24 -41.64 -17.29 -4.48
CA PHE B 24 -42.97 -17.55 -4.98
C PHE B 24 -44.01 -16.81 -4.16
N ARG B 25 -44.95 -16.18 -4.85
CA ARG B 25 -46.20 -15.75 -4.21
C ARG B 25 -47.38 -16.47 -4.86
N HIS B 26 -48.35 -16.88 -4.08
CA HIS B 26 -49.50 -17.57 -4.65
C HIS B 26 -50.79 -17.07 -4.13
N GLN B 27 -51.85 -17.38 -4.88
CA GLN B 27 -53.21 -17.30 -4.39
C GLN B 27 -53.94 -18.56 -4.79
N ASN B 28 -54.69 -19.12 -3.84
CA ASN B 28 -55.50 -20.28 -4.13
C ASN B 28 -56.76 -20.22 -3.25
N SER B 29 -57.50 -21.31 -3.14
CA SER B 29 -58.77 -21.22 -2.44
C SER B 29 -58.63 -21.24 -0.90
N GLU B 30 -57.41 -21.37 -0.37
CA GLU B 30 -57.11 -21.32 1.07
C GLU B 30 -56.44 -20.00 1.49
N GLY B 31 -56.06 -19.15 0.54
CA GLY B 31 -55.48 -17.83 0.84
C GLY B 31 -54.34 -17.45 -0.09
N THR B 32 -53.36 -16.74 0.46
CA THR B 32 -52.19 -16.24 -0.30
C THR B 32 -50.93 -16.52 0.47
N GLY B 33 -49.79 -16.60 -0.21
CA GLY B 33 -48.60 -16.87 0.55
C GLY B 33 -47.36 -16.46 -0.18
N GLN B 34 -46.28 -16.37 0.58
CA GLN B 34 -44.98 -16.10 -0.01
C GLN B 34 -43.99 -17.10 0.57
N ALA B 35 -43.06 -17.57 -0.26
CA ALA B 35 -41.98 -18.44 0.22
C ALA B 35 -40.74 -18.21 -0.62
N ALA B 36 -39.59 -18.13 0.07
CA ALA B 36 -38.32 -18.03 -0.64
C ALA B 36 -37.94 -19.32 -1.33
N ASP B 37 -37.22 -19.21 -2.47
CA ASP B 37 -36.61 -20.38 -3.09
C ASP B 37 -35.13 -20.41 -2.70
N LEU B 38 -34.72 -21.44 -1.97
CA LEU B 38 -33.34 -21.50 -1.45
C LEU B 38 -32.29 -21.70 -2.57
N LYS B 39 -32.59 -22.60 -3.49
CA LYS B 39 -31.60 -22.98 -4.55
C LYS B 39 -31.13 -21.76 -5.37
N SER B 40 -32.10 -21.02 -5.86
CA SER B 40 -31.78 -19.87 -6.72
C SER B 40 -31.09 -18.77 -5.88
N THR B 41 -31.61 -18.56 -4.67
CA THR B 41 -31.01 -17.58 -3.78
C THR B 41 -29.52 -17.93 -3.54
N GLN B 42 -29.27 -19.18 -3.18
CA GLN B 42 -27.91 -19.58 -2.87
C GLN B 42 -27.00 -19.55 -4.10
N ALA B 43 -27.57 -19.85 -5.27
CA ALA B 43 -26.79 -19.80 -6.54
C ALA B 43 -26.26 -18.39 -6.80
N ALA B 44 -27.13 -17.37 -6.64
CA ALA B 44 -26.68 -15.98 -6.83
C ALA B 44 -25.67 -15.55 -5.77
N ILE B 45 -25.99 -15.81 -4.50
CA ILE B 45 -25.08 -15.47 -3.38
C ILE B 45 -23.69 -16.11 -3.56
N ASN B 46 -23.66 -17.37 -3.92
CA ASN B 46 -22.39 -18.08 -4.10
C ASN B 46 -21.53 -17.43 -5.18
N GLN B 47 -22.16 -16.99 -6.25
CA GLN B 47 -21.41 -16.34 -7.34
C GLN B 47 -20.84 -15.01 -6.91
N ILE B 48 -21.64 -14.25 -6.19
CA ILE B 48 -21.21 -12.92 -5.70
C ILE B 48 -20.11 -13.12 -4.65
N ASN B 49 -20.27 -14.12 -3.81
CA ASN B 49 -19.19 -14.39 -2.84
C ASN B 49 -17.89 -14.81 -3.52
N GLY B 50 -18.01 -15.49 -4.66
CA GLY B 50 -16.84 -15.80 -5.51
C GLY B 50 -16.07 -14.58 -5.96
N LYS B 51 -16.79 -13.55 -6.39
CA LYS B 51 -16.18 -12.25 -6.72
C LYS B 51 -15.51 -11.61 -5.53
N LEU B 52 -16.22 -11.59 -4.39
CA LEU B 52 -15.65 -11.01 -3.19
C LEU B 52 -14.40 -11.73 -2.72
N ASN B 53 -14.37 -13.05 -2.85
CA ASN B 53 -13.18 -13.83 -2.45
CA ASN B 53 -13.19 -13.86 -2.49
C ASN B 53 -11.96 -13.47 -3.30
N ARG B 54 -12.17 -12.96 -4.50
CA ARG B 54 -11.04 -12.60 -5.32
C ARG B 54 -10.56 -11.18 -5.07
N LEU B 55 -11.43 -10.36 -4.51
CA LEU B 55 -11.15 -8.94 -4.33
C LEU B 55 -10.86 -8.44 -2.91
N ILE B 56 -11.41 -9.09 -1.88
CA ILE B 56 -11.30 -8.61 -0.50
C ILE B 56 -10.24 -9.43 0.23
N GLY B 57 -9.40 -8.74 1.00
CA GLY B 57 -8.37 -9.38 1.84
C GLY B 57 -7.23 -10.02 1.06
N LYS B 58 -6.92 -9.46 -0.11
CA LYS B 58 -5.93 -10.06 -1.02
C LYS B 58 -4.75 -9.13 -1.36
N THR B 59 -4.35 -8.24 -0.45
CA THR B 59 -3.33 -7.23 -0.81
C THR B 59 -1.88 -7.81 -1.06
N ASN B 60 -1.10 -6.96 -1.71
CA ASN B 60 0.26 -7.18 -2.22
C ASN B 60 1.18 -6.46 -1.23
N GLU B 61 2.21 -7.13 -0.70
CA GLU B 61 3.19 -6.45 0.15
C GLU B 61 4.27 -5.76 -0.69
N LYS B 62 4.54 -4.48 -0.43
CA LYS B 62 5.69 -3.80 -1.02
C LYS B 62 6.49 -3.08 0.07
N PHE B 63 7.80 -2.99 -0.11
CA PHE B 63 8.65 -2.47 0.94
C PHE B 63 9.39 -1.25 0.45
N HIS B 64 10.70 -1.33 0.26
CA HIS B 64 11.43 -0.16 -0.24
C HIS B 64 11.15 0.04 -1.73
N GLN B 65 10.83 1.26 -2.12
CA GLN B 65 10.41 1.56 -3.48
C GLN B 65 11.22 2.76 -3.98
N ILE B 66 10.59 3.72 -4.60
CA ILE B 66 11.22 4.98 -5.02
C ILE B 66 10.57 6.10 -4.23
N GLU B 67 11.24 7.24 -4.18
CA GLU B 67 10.66 8.42 -3.58
C GLU B 67 9.60 9.01 -4.53
N LYS B 68 8.60 9.61 -3.92
CA LYS B 68 7.42 10.10 -4.65
C LYS B 68 7.04 11.54 -4.32
N GLU B 69 7.77 12.17 -3.40
CA GLU B 69 7.65 13.59 -3.11
C GLU B 69 9.09 14.11 -3.02
N PHE B 70 9.30 15.38 -3.37
CA PHE B 70 10.65 15.95 -3.52
C PHE B 70 10.66 17.38 -3.02
N SER B 71 11.65 17.68 -2.19
CA SER B 71 11.78 19.03 -1.61
C SER B 71 12.57 20.00 -2.47
N GLU B 72 13.32 19.48 -3.43
CA GLU B 72 14.18 20.31 -4.30
C GLU B 72 13.89 20.00 -5.77
N VAL B 73 14.13 21.01 -6.60
CA VAL B 73 14.10 20.86 -8.06
C VAL B 73 15.38 20.18 -8.52
N GLU B 74 15.25 19.16 -9.38
CA GLU B 74 16.42 18.41 -9.88
C GLU B 74 16.53 18.14 -11.38
N GLY B 75 15.41 18.10 -12.07
CA GLY B 75 15.42 17.86 -13.52
C GLY B 75 15.24 16.39 -13.86
N ARG B 76 16.14 15.89 -14.70
CA ARG B 76 15.93 14.64 -15.47
C ARG B 76 15.57 13.44 -14.64
N ILE B 77 16.34 13.15 -13.59
CA ILE B 77 16.05 11.95 -12.78
C ILE B 77 14.71 12.03 -12.06
N GLN B 78 14.40 13.21 -11.51
CA GLN B 78 13.14 13.39 -10.80
C GLN B 78 11.96 13.36 -11.77
N ASP B 79 12.14 13.91 -12.96
CA ASP B 79 11.12 13.85 -14.01
C ASP B 79 10.77 12.39 -14.27
N LEU B 80 11.81 11.55 -14.33
CA LEU B 80 11.59 10.11 -14.60
C LEU B 80 10.91 9.42 -13.43
N GLU B 81 11.37 9.67 -12.20
CA GLU B 81 10.70 9.10 -11.02
C GLU B 81 9.21 9.48 -10.99
N LYS B 82 8.90 10.76 -11.25
CA LYS B 82 7.52 11.20 -11.21
C LYS B 82 6.68 10.56 -12.32
N TYR B 83 7.26 10.47 -13.51
CA TYR B 83 6.54 9.88 -14.65
C TYR B 83 6.27 8.39 -14.46
N VAL B 84 7.23 7.67 -13.90
CA VAL B 84 7.01 6.25 -13.62
C VAL B 84 5.82 6.12 -12.67
N GLU B 85 5.81 6.91 -11.62
CA GLU B 85 4.73 6.77 -10.63
C GLU B 85 3.38 7.19 -11.23
N ASP B 86 3.35 8.30 -11.94
CA ASP B 86 2.10 8.77 -12.57
C ASP B 86 1.55 7.72 -13.57
N THR B 87 2.44 7.14 -14.36
CA THR B 87 2.11 6.04 -15.28
C THR B 87 1.46 4.86 -14.55
N LYS B 88 2.10 4.44 -13.44
CA LYS B 88 1.63 3.31 -12.67
C LYS B 88 0.23 3.61 -12.13
N ILE B 89 0.06 4.78 -11.53
CA ILE B 89 -1.22 5.12 -10.88
C ILE B 89 -2.35 5.17 -11.92
N ASP B 90 -2.05 5.74 -13.07
CA ASP B 90 -3.10 5.82 -14.11
C ASP B 90 -3.51 4.41 -14.61
N LEU B 91 -2.55 3.51 -14.75
CA LEU B 91 -2.86 2.16 -15.18
C LEU B 91 -3.67 1.41 -14.15
N TRP B 92 -3.31 1.55 -12.88
CA TRP B 92 -4.08 0.90 -11.82
C TRP B 92 -5.48 1.52 -11.68
N SER B 93 -5.59 2.85 -11.84
CA SER B 93 -6.89 3.54 -11.77
C SER B 93 -7.83 3.07 -12.89
N TYR B 94 -7.27 2.90 -14.09
CA TYR B 94 -8.00 2.29 -15.20
C TYR B 94 -8.44 0.86 -14.87
N ASN B 95 -7.51 0.04 -14.33
CA ASN B 95 -7.88 -1.33 -14.01
C ASN B 95 -9.05 -1.35 -13.01
N ALA B 96 -8.99 -0.50 -12.00
CA ALA B 96 -10.02 -0.47 -10.94
C ALA B 96 -11.37 -0.05 -11.54
N GLU B 97 -11.34 0.97 -12.39
CA GLU B 97 -12.58 1.46 -13.04
C GLU B 97 -13.24 0.37 -13.88
N LEU B 98 -12.46 -0.27 -14.74
CA LEU B 98 -12.99 -1.30 -15.62
C LEU B 98 -13.48 -2.50 -14.85
N LEU B 99 -12.74 -2.87 -13.80
CA LEU B 99 -13.05 -4.03 -12.98
C LEU B 99 -14.43 -3.86 -12.40
N VAL B 100 -14.71 -2.71 -11.85
CA VAL B 100 -15.98 -2.53 -11.16
CA VAL B 100 -15.98 -2.49 -11.14
C VAL B 100 -17.12 -2.41 -12.19
N ALA B 101 -16.89 -1.72 -13.29
CA ALA B 101 -17.94 -1.61 -14.34
C ALA B 101 -18.30 -3.00 -14.89
N LEU B 102 -17.30 -3.81 -15.22
CA LEU B 102 -17.49 -5.17 -15.77
CA LEU B 102 -17.58 -5.11 -15.80
C LEU B 102 -18.13 -6.08 -14.77
N GLU B 103 -17.56 -6.09 -13.58
CA GLU B 103 -18.11 -6.95 -12.53
C GLU B 103 -19.59 -6.60 -12.23
N ASN B 104 -19.90 -5.31 -12.18
CA ASN B 104 -21.29 -4.87 -11.87
C ASN B 104 -22.28 -5.23 -12.96
N GLN B 105 -21.86 -5.05 -14.21
CA GLN B 105 -22.67 -5.49 -15.35
C GLN B 105 -22.98 -6.97 -15.22
N HIS B 106 -21.96 -7.74 -14.89
CA HIS B 106 -22.09 -9.17 -14.81
C HIS B 106 -22.92 -9.61 -13.62
N THR B 107 -22.77 -8.92 -12.49
CA THR B 107 -23.62 -9.22 -11.32
C THR B 107 -25.11 -9.00 -11.61
N ILE B 108 -25.42 -7.91 -12.28
CA ILE B 108 -26.82 -7.58 -12.63
C ILE B 108 -27.33 -8.66 -13.57
N ASP B 109 -26.50 -9.05 -14.54
CA ASP B 109 -26.92 -10.10 -15.49
C ASP B 109 -27.05 -11.48 -14.87
N LEU B 110 -26.17 -11.84 -13.95
CA LEU B 110 -26.22 -13.18 -13.39
C LEU B 110 -27.41 -13.32 -12.42
N THR B 111 -27.73 -12.23 -11.75
CA THR B 111 -28.88 -12.25 -10.85
C THR B 111 -30.19 -12.32 -11.64
N ASP B 112 -30.24 -11.60 -12.76
CA ASP B 112 -31.36 -11.69 -13.70
C ASP B 112 -31.47 -13.15 -14.21
N SER B 113 -30.33 -13.71 -14.56
CA SER B 113 -30.25 -15.13 -15.03
C SER B 113 -30.88 -16.07 -14.01
N GLU B 114 -30.52 -15.91 -12.73
CA GLU B 114 -31.06 -16.82 -11.69
C GLU B 114 -32.58 -16.67 -11.54
N MET B 115 -33.10 -15.45 -11.64
CA MET B 115 -34.54 -15.26 -11.67
C MET B 115 -35.16 -16.01 -12.88
N ASN B 116 -34.57 -15.82 -14.05
CA ASN B 116 -35.08 -16.44 -15.27
C ASN B 116 -35.07 -17.97 -15.19
N LYS B 117 -33.98 -18.51 -14.62
CA LYS B 117 -33.87 -19.97 -14.51
C LYS B 117 -34.95 -20.56 -13.59
N LEU B 118 -35.28 -19.85 -12.51
CA LEU B 118 -36.32 -20.28 -11.61
C LEU B 118 -37.67 -20.27 -12.32
N PHE B 119 -37.90 -19.19 -13.07
CA PHE B 119 -39.12 -19.09 -13.86
C PHE B 119 -39.25 -20.26 -14.85
N GLU B 120 -38.18 -20.50 -15.61
CA GLU B 120 -38.19 -21.60 -16.61
C GLU B 120 -38.41 -22.97 -15.97
N ARG B 121 -37.77 -23.22 -14.83
CA ARG B 121 -37.92 -24.48 -14.14
C ARG B 121 -39.36 -24.72 -13.65
N THR B 122 -40.04 -23.64 -13.28
CA THR B 122 -41.42 -23.74 -12.80
C THR B 122 -42.34 -23.96 -14.01
N LYS B 123 -42.10 -23.20 -15.09
CA LYS B 123 -42.88 -23.31 -16.34
C LYS B 123 -42.90 -24.76 -16.83
N LYS B 124 -41.71 -25.37 -16.88
CA LYS B 124 -41.62 -26.75 -17.39
C LYS B 124 -42.32 -27.75 -16.46
N GLN B 125 -42.18 -27.57 -15.16
CA GLN B 125 -42.80 -28.43 -14.19
C GLN B 125 -44.33 -28.49 -14.29
N LEU B 126 -44.95 -27.34 -14.56
CA LEU B 126 -46.39 -27.22 -14.70
C LEU B 126 -46.96 -27.83 -15.96
N ARG B 127 -46.11 -28.10 -16.97
CA ARG B 127 -46.51 -28.80 -18.19
C ARG B 127 -47.74 -28.16 -18.82
N GLU B 128 -48.83 -28.90 -19.01
CA GLU B 128 -50.00 -28.37 -19.67
C GLU B 128 -51.03 -27.88 -18.68
N ASN B 129 -50.64 -27.70 -17.42
CA ASN B 129 -51.60 -27.42 -16.32
C ASN B 129 -51.70 -25.95 -15.99
N ALA B 130 -50.89 -25.14 -16.67
CA ALA B 130 -50.85 -23.71 -16.36
C ALA B 130 -50.46 -22.92 -17.61
N GLU B 131 -50.73 -21.62 -17.60
CA GLU B 131 -50.31 -20.70 -18.64
C GLU B 131 -49.57 -19.50 -18.05
N ASP B 132 -48.56 -19.07 -18.79
CA ASP B 132 -47.73 -17.91 -18.44
C ASP B 132 -48.52 -16.63 -18.76
N MET B 133 -48.81 -15.85 -17.72
CA MET B 133 -49.54 -14.60 -17.88
CA MET B 133 -49.54 -14.59 -17.90
C MET B 133 -48.66 -13.44 -18.38
N GLY B 134 -47.35 -13.66 -18.52
CA GLY B 134 -46.44 -12.68 -19.13
C GLY B 134 -45.73 -11.76 -18.15
N ASN B 135 -46.05 -11.90 -16.86
CA ASN B 135 -45.53 -11.01 -15.81
C ASN B 135 -44.87 -11.81 -14.67
N GLY B 136 -44.41 -13.00 -14.99
CA GLY B 136 -43.85 -13.95 -14.01
C GLY B 136 -44.87 -14.77 -13.25
N CYS B 137 -46.15 -14.63 -13.56
CA CYS B 137 -47.22 -15.37 -12.91
C CYS B 137 -47.78 -16.41 -13.87
N PHE B 138 -48.11 -17.55 -13.32
CA PHE B 138 -48.81 -18.62 -13.96
C PHE B 138 -50.23 -18.70 -13.47
N LYS B 139 -51.16 -18.81 -14.41
CA LYS B 139 -52.51 -19.18 -14.06
C LYS B 139 -52.56 -20.71 -14.06
N ILE B 140 -52.86 -21.29 -12.91
CA ILE B 140 -52.96 -22.75 -12.74
C ILE B 140 -54.45 -23.12 -12.91
N TYR B 141 -54.71 -24.01 -13.87
CA TYR B 141 -56.06 -24.33 -14.28
C TYR B 141 -56.69 -25.52 -13.54
N HIS B 142 -56.33 -25.69 -12.27
CA HIS B 142 -56.92 -26.72 -11.43
C HIS B 142 -56.90 -26.27 -9.98
N LYS B 143 -57.73 -26.90 -9.15
CA LYS B 143 -57.68 -26.63 -7.73
C LYS B 143 -56.28 -27.00 -7.24
N CYS B 144 -55.65 -26.07 -6.53
CA CYS B 144 -54.26 -26.25 -6.10
C CYS B 144 -54.14 -25.67 -4.68
N ASP B 145 -54.45 -26.53 -3.72
CA ASP B 145 -54.44 -26.17 -2.31
C ASP B 145 -53.00 -25.93 -1.78
N ASN B 146 -52.89 -25.63 -0.49
CA ASN B 146 -51.56 -25.35 0.08
C ASN B 146 -50.53 -26.46 -0.13
N ALA B 147 -50.94 -27.72 0.06
CA ALA B 147 -50.01 -28.83 -0.19
C ALA B 147 -49.60 -28.92 -1.66
N CYS B 148 -50.56 -28.68 -2.55
CA CYS B 148 -50.30 -28.62 -3.99
C CYS B 148 -49.28 -27.53 -4.35
N ILE B 149 -49.49 -26.32 -3.83
CA ILE B 149 -48.53 -25.22 -4.03
C ILE B 149 -47.16 -25.60 -3.48
N GLU B 150 -47.10 -26.17 -2.29
CA GLU B 150 -45.80 -26.60 -1.74
C GLU B 150 -45.12 -27.69 -2.61
N SER B 151 -45.92 -28.57 -3.22
CA SER B 151 -45.36 -29.62 -4.13
C SER B 151 -44.67 -28.99 -5.35
N ILE B 152 -45.19 -27.86 -5.82
CA ILE B 152 -44.56 -27.12 -6.92
C ILE B 152 -43.26 -26.48 -6.42
N ARG B 153 -43.34 -25.81 -5.29
CA ARG B 153 -42.16 -25.18 -4.70
C ARG B 153 -41.04 -26.16 -4.32
N ASN B 154 -41.39 -27.39 -3.96
CA ASN B 154 -40.36 -28.36 -3.58
C ASN B 154 -40.02 -29.42 -4.63
N GLY B 155 -40.54 -29.26 -5.83
CA GLY B 155 -40.21 -30.15 -6.94
C GLY B 155 -40.84 -31.53 -6.93
N THR B 156 -41.94 -31.73 -6.21
CA THR B 156 -42.61 -33.04 -6.16
C THR B 156 -43.97 -33.04 -6.88
N TYR B 157 -44.38 -31.90 -7.42
CA TYR B 157 -45.65 -31.79 -8.14
C TYR B 157 -45.72 -32.79 -9.30
N ASP B 158 -46.79 -33.57 -9.34
CA ASP B 158 -46.98 -34.58 -10.37
C ASP B 158 -48.04 -34.01 -11.30
N HIS B 159 -47.61 -33.56 -12.49
CA HIS B 159 -48.56 -32.87 -13.41
C HIS B 159 -49.67 -33.83 -13.87
N ASP B 160 -49.39 -35.13 -13.92
CA ASP B 160 -50.35 -36.09 -14.42
C ASP B 160 -51.59 -36.20 -13.53
N VAL B 161 -51.43 -35.98 -12.24
CA VAL B 161 -52.54 -35.99 -11.28
C VAL B 161 -53.63 -35.01 -11.66
N TYR B 162 -53.23 -33.84 -12.14
CA TYR B 162 -54.15 -32.73 -12.39
C TYR B 162 -54.46 -32.46 -13.85
N ARG B 163 -53.83 -33.21 -14.76
CA ARG B 163 -53.84 -32.86 -16.18
C ARG B 163 -55.24 -32.88 -16.79
N ASP B 164 -56.04 -33.91 -16.51
CA ASP B 164 -57.42 -33.96 -17.04
C ASP B 164 -58.24 -32.75 -16.61
N GLU B 165 -58.15 -32.40 -15.33
CA GLU B 165 -58.85 -31.24 -14.77
C GLU B 165 -58.41 -29.96 -15.46
N ALA B 166 -57.09 -29.80 -15.62
CA ALA B 166 -56.51 -28.58 -16.20
C ALA B 166 -56.86 -28.43 -17.67
N LEU B 167 -56.73 -29.49 -18.45
CA LEU B 167 -57.06 -29.42 -19.89
C LEU B 167 -58.51 -29.06 -20.09
N ASN B 168 -59.41 -29.69 -19.32
CA ASN B 168 -60.82 -29.34 -19.38
C ASN B 168 -61.03 -27.83 -19.14
N ASN B 169 -60.37 -27.26 -18.13
CA ASN B 169 -60.51 -25.84 -17.83
C ASN B 169 -59.88 -24.91 -18.87
N ARG B 170 -58.73 -25.30 -19.38
CA ARG B 170 -58.01 -24.50 -20.36
C ARG B 170 -58.71 -24.42 -21.69
N PHE B 171 -59.15 -25.56 -22.19
CA PHE B 171 -59.68 -25.66 -23.54
C PHE B 171 -61.21 -25.74 -23.57
N GLN B 172 -61.84 -25.21 -22.52
CA GLN B 172 -63.29 -24.96 -22.46
C GLN B 172 -63.67 -23.84 -23.45
N ILE B 173 -64.98 -23.60 -23.60
CA ILE B 173 -65.51 -22.59 -24.51
C ILE B 173 -66.45 -21.65 -23.75
#